data_4DHF
#
_entry.id   4DHF
#
_cell.length_a   81.590
_cell.length_b   81.590
_cell.length_c   166.065
_cell.angle_alpha   90.00
_cell.angle_beta   90.00
_cell.angle_gamma   120.00
#
_symmetry.space_group_name_H-M   'P 61'
#
loop_
_entity.id
_entity.type
_entity.pdbx_description
1 polymer 'Aurora kinase A'
2 non-polymer 7-cyclopentyl-2-({1-methyl-5-[(4-methylpiperazin-1-yl)carbonyl]-1H-pyrrol-3-yl}amino)-7H-pyrrolo[2,3-d]pyrimidine-6-carboxamide
3 non-polymer 'PHOSPHATE ION'
4 non-polymer 'MAGNESIUM ION'
#
_entity_poly.entity_id   1
_entity_poly.type   'polypeptide(L)'
_entity_poly.pdbx_seq_one_letter_code
;GPLGSRQWALEDFEIGRPLGKGKFGNVYLAREKQSKFILALKVLFKAQLEKAGVEHQLRREVEIQSHLRHPNILRLYGYF
HDATRVYLILEYAPLGTVYRELQKLSKFDEQRTATYITELANALSYCHSKRVIHRDIKPENLLLGSAGELKIADFGWSVH
APSSRRDDLCGTLDYLPPEMIEGRMHDEKVDLWSLGVLCYEFLVGKPPFEANTYQETYKRISRVEFTFPDFVTEGARDLI
SRLLKHNPSQRPMLREVLEHPWITANSSKPS
;
_entity_poly.pdbx_strand_id   A,B
#
loop_
_chem_comp.id
_chem_comp.type
_chem_comp.name
_chem_comp.formula
0K6 non-polymer 7-cyclopentyl-2-({1-methyl-5-[(4-methylpiperazin-1-yl)carbonyl]-1H-pyrrol-3-yl}amino)-7H-pyrrolo[2,3-d]pyrimidine-6-carboxamide 'C23 H30 N8 O2'
MG non-polymer 'MAGNESIUM ION' 'Mg 2'
PO4 non-polymer 'PHOSPHATE ION' 'O4 P -3'
#
# COMPACT_ATOMS: atom_id res chain seq x y z
N TRP A 8 32.36 -25.34 -20.86
CA TRP A 8 31.34 -24.42 -21.43
C TRP A 8 31.95 -23.08 -21.66
N ALA A 9 31.50 -22.40 -22.72
CA ALA A 9 31.87 -20.99 -22.94
C ALA A 9 30.74 -20.17 -23.60
N LEU A 10 30.78 -18.84 -23.48
CA LEU A 10 29.76 -17.93 -24.05
C LEU A 10 29.25 -18.34 -25.44
N GLU A 11 30.08 -18.18 -26.46
CA GLU A 11 29.96 -18.90 -27.74
C GLU A 11 29.68 -20.35 -27.41
N ASP A 12 28.56 -20.90 -27.85
CA ASP A 12 28.02 -22.17 -27.28
C ASP A 12 26.54 -21.96 -27.07
N PHE A 13 26.22 -20.68 -26.85
CA PHE A 13 24.91 -20.21 -26.58
C PHE A 13 24.58 -19.02 -27.49
N GLU A 14 23.35 -19.00 -27.98
CA GLU A 14 22.82 -17.73 -28.43
C GLU A 14 22.02 -17.23 -27.24
N ILE A 15 22.11 -15.93 -27.01
CA ILE A 15 21.40 -15.27 -25.95
C ILE A 15 20.14 -14.63 -26.54
N GLY A 16 19.07 -14.66 -25.78
CA GLY A 16 17.83 -14.01 -26.20
C GLY A 16 17.52 -12.78 -25.40
N ARG A 17 16.23 -12.54 -25.16
CA ARG A 17 15.83 -11.35 -24.40
C ARG A 17 16.30 -11.48 -22.97
N PRO A 18 16.39 -10.36 -22.25
CA PRO A 18 16.72 -10.41 -20.82
C PRO A 18 15.49 -10.77 -19.98
N LEU A 19 15.64 -11.69 -19.02
CA LEU A 19 14.54 -12.11 -18.13
C LEU A 19 14.38 -11.34 -16.82
N GLY A 20 15.45 -10.69 -16.34
CA GLY A 20 15.44 -10.13 -15.00
C GLY A 20 16.56 -9.17 -14.72
N LYS A 21 16.31 -8.28 -13.74
CA LYS A 21 17.14 -7.08 -13.51
C LYS A 21 18.51 -7.37 -12.90
N GLY A 22 19.44 -6.45 -13.18
CA GLY A 22 20.81 -6.48 -12.68
C GLY A 22 20.98 -6.39 -11.17
N LYS A 23 20.68 -7.49 -10.47
CA LYS A 23 21.11 -7.69 -9.09
C LYS A 23 22.62 -7.44 -9.08
N PHE A 24 23.39 -8.41 -9.59
CA PHE A 24 24.83 -8.27 -9.84
C PHE A 24 25.15 -8.33 -11.33
N GLY A 25 24.10 -8.31 -12.15
CA GLY A 25 24.15 -8.46 -13.60
C GLY A 25 22.79 -9.00 -13.97
N ASN A 26 22.52 -9.26 -15.25
CA ASN A 26 21.19 -9.74 -15.61
C ASN A 26 21.10 -11.25 -15.81
N VAL A 27 19.87 -11.74 -15.92
CA VAL A 27 19.67 -13.10 -16.39
C VAL A 27 18.91 -13.16 -17.71
N TYR A 28 19.40 -13.98 -18.65
CA TYR A 28 18.97 -13.96 -20.03
C TYR A 28 18.38 -15.29 -20.45
N LEU A 29 17.36 -15.25 -21.29
CA LEU A 29 16.92 -16.45 -21.97
C LEU A 29 18.05 -16.86 -22.89
N ALA A 30 18.24 -18.15 -23.08
CA ALA A 30 19.34 -18.63 -23.92
C ALA A 30 19.17 -20.06 -24.39
N ARG A 31 19.81 -20.33 -25.52
CA ARG A 31 19.63 -21.55 -26.28
C ARG A 31 21.01 -22.20 -26.53
N GLU A 32 21.16 -23.49 -26.26
CA GLU A 32 22.46 -24.13 -26.43
C GLU A 32 22.65 -24.72 -27.86
N LYS A 33 23.58 -24.12 -28.62
CA LYS A 33 23.84 -24.45 -30.05
C LYS A 33 23.81 -25.92 -30.43
N GLN A 34 24.59 -26.73 -29.72
CA GLN A 34 24.64 -28.16 -29.98
C GLN A 34 23.23 -28.75 -29.91
N SER A 35 22.61 -28.69 -28.74
CA SER A 35 21.39 -29.46 -28.45
C SER A 35 20.09 -28.65 -28.56
N LYS A 36 20.21 -27.35 -28.76
CA LYS A 36 19.06 -26.48 -28.87
C LYS A 36 18.29 -26.36 -27.56
N PHE A 37 18.97 -26.65 -26.45
CA PHE A 37 18.40 -26.58 -25.10
C PHE A 37 18.14 -25.13 -24.63
N ILE A 38 16.96 -24.90 -24.08
CA ILE A 38 16.56 -23.57 -23.66
C ILE A 38 16.80 -23.53 -22.16
N LEU A 39 17.45 -22.46 -21.73
CA LEU A 39 17.92 -22.34 -20.36
C LEU A 39 17.93 -20.87 -20.07
N ALA A 40 18.20 -20.53 -18.81
CA ALA A 40 18.37 -19.15 -18.34
C ALA A 40 19.81 -19.02 -17.89
N LEU A 41 20.43 -17.93 -18.34
CA LEU A 41 21.85 -17.65 -18.18
C LEU A 41 21.99 -16.46 -17.26
N LYS A 42 22.33 -16.71 -15.99
CA LYS A 42 22.57 -15.63 -15.01
C LYS A 42 23.96 -15.11 -15.29
N VAL A 43 24.10 -13.80 -15.48
CA VAL A 43 25.40 -13.23 -15.81
C VAL A 43 25.84 -12.21 -14.77
N LEU A 44 26.83 -12.59 -13.97
CA LEU A 44 27.36 -11.73 -12.90
C LEU A 44 28.79 -11.24 -13.22
N PHE A 45 28.97 -9.93 -13.25
CA PHE A 45 30.31 -9.32 -13.42
C PHE A 45 31.15 -9.53 -12.15
N LYS A 46 32.29 -10.24 -12.32
CA LYS A 46 33.31 -10.40 -11.27
C LYS A 46 33.60 -9.06 -10.56
N ALA A 47 33.82 -8.01 -11.36
CA ALA A 47 34.05 -6.71 -10.80
C ALA A 47 33.15 -6.53 -9.57
N GLN A 48 31.84 -6.57 -9.77
CA GLN A 48 30.89 -6.17 -8.72
C GLN A 48 30.74 -7.18 -7.58
N LEU A 49 30.98 -8.45 -7.88
CA LEU A 49 30.99 -9.48 -6.82
C LEU A 49 32.08 -9.18 -5.78
N GLU A 50 33.30 -9.05 -6.25
CA GLU A 50 34.45 -8.73 -5.41
C GLU A 50 34.21 -7.44 -4.66
N LYS A 51 33.81 -6.38 -5.36
CA LYS A 51 33.50 -5.09 -4.71
C LYS A 51 32.53 -5.23 -3.54
N ALA A 52 31.67 -6.23 -3.59
CA ALA A 52 30.67 -6.45 -2.55
C ALA A 52 31.04 -7.66 -1.70
N GLY A 53 32.06 -8.38 -2.15
CA GLY A 53 32.59 -9.58 -1.46
C GLY A 53 31.54 -10.64 -1.15
N VAL A 54 30.86 -11.14 -2.18
CA VAL A 54 29.82 -12.16 -2.00
C VAL A 54 30.13 -13.41 -2.80
N GLU A 55 31.41 -13.64 -3.09
CA GLU A 55 31.82 -14.76 -3.92
C GLU A 55 31.55 -16.14 -3.28
N HIS A 56 31.59 -16.19 -1.95
CA HIS A 56 31.26 -17.37 -1.14
C HIS A 56 29.78 -17.65 -1.11
N GLN A 57 28.98 -16.60 -1.33
CA GLN A 57 27.54 -16.73 -1.56
C GLN A 57 27.27 -17.39 -2.92
N LEU A 58 27.94 -16.89 -3.96
CA LEU A 58 27.99 -17.51 -5.29
C LEU A 58 28.46 -18.95 -5.12
N ARG A 59 29.55 -19.11 -4.39
CA ARG A 59 30.12 -20.40 -4.11
C ARG A 59 29.37 -21.05 -2.98
N ARG A 60 28.08 -20.75 -2.88
CA ARG A 60 27.17 -21.51 -2.03
C ARG A 60 25.92 -21.76 -2.88
N GLU A 61 25.61 -20.84 -3.77
CA GLU A 61 24.57 -21.06 -4.73
C GLU A 61 24.96 -22.25 -5.62
N VAL A 62 26.21 -22.28 -6.08
CA VAL A 62 26.64 -23.29 -7.06
C VAL A 62 26.63 -24.75 -6.54
N GLU A 63 27.43 -25.03 -5.53
CA GLU A 63 27.44 -26.32 -4.82
C GLU A 63 26.06 -26.83 -4.43
N ILE A 64 25.29 -26.03 -3.70
CA ILE A 64 23.96 -26.47 -3.24
C ILE A 64 22.95 -26.75 -4.34
N GLN A 65 22.76 -25.81 -5.26
CA GLN A 65 21.72 -25.95 -6.29
C GLN A 65 21.98 -27.07 -7.30
N SER A 66 23.23 -27.49 -7.39
CA SER A 66 23.61 -28.53 -8.32
C SER A 66 23.43 -29.90 -7.69
N HIS A 67 23.55 -29.95 -6.36
CA HIS A 67 23.47 -31.23 -5.66
C HIS A 67 22.11 -31.53 -5.13
N LEU A 68 21.24 -30.52 -5.09
CA LEU A 68 19.83 -30.80 -4.83
C LEU A 68 19.12 -31.12 -6.14
N ARG A 69 18.33 -32.20 -6.14
CA ARG A 69 17.46 -32.52 -7.26
C ARG A 69 16.08 -32.79 -6.67
N HIS A 70 15.11 -31.99 -7.12
CA HIS A 70 13.76 -32.04 -6.63
C HIS A 70 12.94 -31.30 -7.67
N PRO A 71 11.70 -31.78 -7.96
CA PRO A 71 10.82 -31.07 -8.92
C PRO A 71 10.44 -29.60 -8.56
N ASN A 72 10.51 -29.25 -7.26
CA ASN A 72 10.16 -27.91 -6.78
C ASN A 72 11.34 -27.06 -6.37
N ILE A 73 12.50 -27.38 -6.93
CA ILE A 73 13.69 -26.59 -6.70
C ILE A 73 14.30 -26.32 -8.06
N LEU A 74 14.62 -25.06 -8.36
CA LEU A 74 15.19 -24.75 -9.67
C LEU A 74 16.53 -25.39 -9.78
N ARG A 75 16.88 -25.85 -10.98
CA ARG A 75 18.10 -26.61 -11.15
C ARG A 75 19.20 -25.75 -11.70
N LEU A 76 20.40 -25.88 -11.14
CA LEU A 76 21.62 -25.29 -11.72
C LEU A 76 22.42 -26.33 -12.51
N TYR A 77 22.59 -26.13 -13.80
CA TYR A 77 23.19 -27.17 -14.64
C TYR A 77 24.71 -27.15 -14.71
N GLY A 78 25.32 -25.97 -14.64
CA GLY A 78 26.78 -25.85 -14.67
C GLY A 78 27.17 -24.41 -14.55
N TYR A 79 28.46 -24.12 -14.74
CA TYR A 79 28.93 -22.73 -14.83
C TYR A 79 30.26 -22.58 -15.57
N PHE A 80 30.66 -21.33 -15.79
CA PHE A 80 31.94 -21.01 -16.36
C PHE A 80 32.12 -19.52 -16.17
N HIS A 81 33.32 -19.03 -16.48
CA HIS A 81 33.61 -17.59 -16.41
C HIS A 81 34.43 -17.18 -17.59
N ASP A 82 34.54 -15.89 -17.79
CA ASP A 82 35.50 -15.41 -18.76
C ASP A 82 36.44 -14.46 -18.02
N ALA A 83 37.05 -13.53 -18.75
CA ALA A 83 37.78 -12.43 -18.14
C ALA A 83 36.90 -11.73 -17.09
N THR A 84 35.77 -11.22 -17.55
CA THR A 84 35.05 -10.21 -16.79
C THR A 84 33.86 -10.75 -15.97
N ARG A 85 33.27 -11.85 -16.42
CA ARG A 85 31.97 -12.31 -15.88
C ARG A 85 31.88 -13.78 -15.52
N VAL A 86 31.06 -14.08 -14.51
CA VAL A 86 30.72 -15.46 -14.14
C VAL A 86 29.31 -15.77 -14.58
N TYR A 87 29.18 -16.96 -15.18
CA TYR A 87 27.95 -17.39 -15.82
C TYR A 87 27.39 -18.64 -15.20
N LEU A 88 26.20 -18.50 -14.57
CA LEU A 88 25.42 -19.68 -14.14
C LEU A 88 24.42 -20.18 -15.19
N ILE A 89 24.51 -21.45 -15.52
CA ILE A 89 23.57 -22.07 -16.44
C ILE A 89 22.40 -22.69 -15.66
N LEU A 90 21.26 -22.00 -15.66
CA LEU A 90 20.06 -22.42 -14.90
C LEU A 90 18.94 -23.10 -15.69
N GLU A 91 18.17 -23.94 -15.03
CA GLU A 91 16.87 -24.34 -15.52
C GLU A 91 16.05 -23.10 -15.83
N TYR A 92 15.23 -23.18 -16.88
CA TYR A 92 14.38 -22.04 -17.24
C TYR A 92 12.91 -22.28 -16.82
N ALA A 93 12.31 -21.25 -16.25
CA ALA A 93 10.98 -21.35 -15.69
C ALA A 93 10.07 -20.49 -16.55
N PRO A 94 9.36 -21.14 -17.49
CA PRO A 94 8.74 -20.48 -18.65
C PRO A 94 7.71 -19.50 -18.22
N LEU A 95 7.07 -19.77 -17.09
CA LEU A 95 5.96 -18.93 -16.60
C LEU A 95 6.35 -17.89 -15.57
N GLY A 96 7.66 -17.66 -15.41
CA GLY A 96 8.13 -16.50 -14.66
C GLY A 96 7.94 -16.63 -13.16
N THR A 97 7.95 -15.51 -12.45
CA THR A 97 7.94 -15.55 -10.99
C THR A 97 6.52 -15.42 -10.38
N VAL A 98 6.39 -15.93 -9.15
CA VAL A 98 5.17 -15.84 -8.37
C VAL A 98 4.91 -14.39 -8.06
N TYR A 99 6.00 -13.63 -7.98
CA TYR A 99 5.96 -12.21 -7.76
C TYR A 99 5.21 -11.48 -8.87
N ARG A 100 5.51 -11.82 -10.12
CA ARG A 100 4.84 -11.21 -11.24
C ARG A 100 3.41 -11.69 -11.29
N GLU A 101 3.18 -12.95 -10.93
CA GLU A 101 1.82 -13.47 -10.92
C GLU A 101 0.91 -12.80 -9.88
N LEU A 102 1.52 -12.29 -8.82
CA LEU A 102 0.80 -11.75 -7.72
C LEU A 102 0.43 -10.33 -8.09
N GLN A 103 1.38 -9.61 -8.62
CA GLN A 103 1.15 -8.32 -9.23
C GLN A 103 0.03 -8.43 -10.27
N LYS A 104 0.02 -9.51 -11.05
CA LYS A 104 -0.97 -9.74 -12.08
C LYS A 104 -2.37 -9.92 -11.52
N LEU A 105 -2.54 -10.84 -10.57
CA LEU A 105 -3.84 -11.10 -9.89
C LEU A 105 -4.11 -10.31 -8.59
N SER A 106 -3.15 -9.49 -8.15
CA SER A 106 -3.21 -8.74 -6.85
C SER A 106 -3.26 -9.58 -5.51
N LYS A 107 -4.17 -10.55 -5.42
CA LYS A 107 -4.07 -11.63 -4.43
C LYS A 107 -4.46 -12.95 -5.05
N PHE A 108 -4.24 -14.04 -4.34
CA PHE A 108 -4.62 -15.36 -4.82
C PHE A 108 -5.80 -15.91 -4.07
N ASP A 109 -6.49 -16.88 -4.69
CA ASP A 109 -7.54 -17.64 -3.98
C ASP A 109 -6.91 -18.73 -3.12
N GLU A 110 -7.74 -19.39 -2.33
CA GLU A 110 -7.24 -20.33 -1.33
C GLU A 110 -6.65 -21.57 -1.94
N GLN A 111 -7.11 -21.91 -3.13
CA GLN A 111 -6.71 -23.14 -3.77
C GLN A 111 -5.28 -22.95 -4.34
N ARG A 112 -5.04 -21.80 -4.95
CA ARG A 112 -3.72 -21.53 -5.52
C ARG A 112 -2.72 -21.42 -4.38
N THR A 113 -3.18 -20.77 -3.29
CA THR A 113 -2.35 -20.52 -2.12
C THR A 113 -1.94 -21.80 -1.42
N ALA A 114 -2.92 -22.65 -1.09
CA ALA A 114 -2.62 -23.91 -0.40
C ALA A 114 -1.70 -24.79 -1.25
N THR A 115 -1.92 -24.73 -2.57
CA THR A 115 -1.12 -25.49 -3.55
C THR A 115 0.35 -25.09 -3.59
N TYR A 116 0.62 -23.78 -3.69
CA TYR A 116 2.00 -23.27 -3.55
C TYR A 116 2.62 -23.56 -2.20
N ILE A 117 1.85 -23.41 -1.12
CA ILE A 117 2.40 -23.70 0.22
C ILE A 117 2.80 -25.17 0.30
N THR A 118 1.98 -26.03 -0.29
CA THR A 118 2.32 -27.45 -0.33
C THR A 118 3.60 -27.70 -1.15
N GLU A 119 3.70 -27.08 -2.33
CA GLU A 119 4.89 -27.35 -3.17
C GLU A 119 6.13 -26.81 -2.47
N LEU A 120 6.01 -25.64 -1.87
CA LEU A 120 7.06 -25.10 -0.99
C LEU A 120 7.48 -25.98 0.19
N ALA A 121 6.50 -26.50 0.92
CA ALA A 121 6.74 -27.38 2.04
C ALA A 121 7.49 -28.66 1.64
N ASN A 122 7.12 -29.27 0.52
CA ASN A 122 7.91 -30.42 0.07
C ASN A 122 9.32 -30.02 -0.32
N ALA A 123 9.45 -28.95 -1.09
CA ALA A 123 10.79 -28.52 -1.47
C ALA A 123 11.67 -28.17 -0.25
N LEU A 124 11.04 -27.62 0.78
CA LEU A 124 11.78 -27.22 1.96
C LEU A 124 12.03 -28.46 2.82
N SER A 125 11.18 -29.46 2.64
CA SER A 125 11.28 -30.70 3.38
C SER A 125 12.51 -31.45 2.92
N TYR A 126 12.62 -31.64 1.60
CA TYR A 126 13.82 -32.19 0.99
C TYR A 126 15.03 -31.40 1.46
N CYS A 127 14.95 -30.07 1.37
CA CYS A 127 16.05 -29.18 1.76
C CYS A 127 16.57 -29.38 3.16
N HIS A 128 15.63 -29.45 4.11
CA HIS A 128 15.97 -29.57 5.52
C HIS A 128 16.50 -30.94 5.87
N SER A 129 16.12 -31.95 5.09
CA SER A 129 16.64 -33.31 5.31
C SER A 129 18.15 -33.37 5.13
N LYS A 130 18.67 -32.62 4.16
CA LYS A 130 20.12 -32.47 3.98
C LYS A 130 20.63 -31.26 4.76
N ARG A 131 19.92 -30.93 5.84
CA ARG A 131 20.29 -29.88 6.79
C ARG A 131 20.44 -28.46 6.20
N VAL A 132 20.02 -28.28 4.95
CA VAL A 132 20.16 -26.97 4.29
C VAL A 132 18.93 -26.10 4.50
N ILE A 133 19.15 -24.83 4.84
CA ILE A 133 18.05 -23.88 5.03
C ILE A 133 18.21 -22.69 4.08
N HIS A 134 17.09 -22.28 3.47
CA HIS A 134 17.12 -21.31 2.39
C HIS A 134 17.40 -19.92 2.89
N ARG A 135 16.69 -19.51 3.95
CA ARG A 135 16.81 -18.17 4.59
C ARG A 135 16.22 -17.00 3.77
N ASP A 136 15.72 -17.27 2.58
CA ASP A 136 15.39 -16.18 1.69
C ASP A 136 14.18 -16.40 0.73
N ILE A 137 13.10 -17.03 1.20
CA ILE A 137 12.00 -17.28 0.25
C ILE A 137 11.00 -16.18 0.06
N LYS A 138 11.48 -15.00 -0.34
CA LYS A 138 10.66 -13.97 -1.01
C LYS A 138 9.96 -14.55 -2.25
N PRO A 139 8.84 -13.95 -2.66
CA PRO A 139 8.21 -14.34 -3.93
C PRO A 139 9.02 -14.05 -5.20
N GLU A 140 9.92 -13.08 -5.19
CA GLU A 140 10.76 -12.91 -6.40
C GLU A 140 11.80 -14.03 -6.63
N ASN A 141 11.94 -14.94 -5.66
CA ASN A 141 12.76 -16.16 -5.79
C ASN A 141 11.94 -17.43 -5.97
N LEU A 142 10.65 -17.29 -6.20
CA LEU A 142 9.85 -18.46 -6.53
C LEU A 142 9.39 -18.43 -7.99
N LEU A 143 9.76 -19.47 -8.73
CA LEU A 143 9.53 -19.52 -10.15
C LEU A 143 8.48 -20.55 -10.54
N LEU A 144 7.87 -20.34 -11.71
CA LEU A 144 6.86 -21.26 -12.22
C LEU A 144 7.38 -22.04 -13.40
N GLY A 145 7.26 -23.36 -13.29
CA GLY A 145 7.50 -24.27 -14.42
C GLY A 145 6.36 -24.22 -15.43
N SER A 146 6.40 -25.14 -16.40
CA SER A 146 5.50 -25.07 -17.54
C SER A 146 4.11 -25.49 -17.12
N ALA A 147 4.02 -26.33 -16.09
CA ALA A 147 2.73 -26.77 -15.57
C ALA A 147 2.24 -25.89 -14.41
N GLY A 148 2.83 -24.70 -14.25
CA GLY A 148 2.60 -23.86 -13.07
C GLY A 148 3.13 -24.42 -11.74
N GLU A 149 4.01 -25.41 -11.82
CA GLU A 149 4.74 -26.01 -10.68
C GLU A 149 5.69 -24.97 -10.05
N LEU A 150 5.56 -24.75 -8.75
CA LEU A 150 6.39 -23.75 -8.09
C LEU A 150 7.84 -24.25 -7.81
N LYS A 151 8.83 -23.43 -8.16
CA LYS A 151 10.25 -23.82 -8.03
C LYS A 151 11.13 -22.77 -7.33
N ILE A 152 11.73 -23.15 -6.21
CA ILE A 152 12.61 -22.25 -5.46
C ILE A 152 13.96 -22.05 -6.15
N ALA A 153 14.37 -20.80 -6.27
CA ALA A 153 15.63 -20.47 -6.88
C ALA A 153 16.52 -19.63 -5.95
N ASP A 154 17.55 -19.02 -6.53
CA ASP A 154 18.52 -18.23 -5.77
C ASP A 154 19.40 -19.14 -4.90
N PHE A 155 19.15 -19.24 -3.59
CA PHE A 155 20.13 -19.94 -2.69
C PHE A 155 21.43 -19.13 -2.54
N GLY A 156 22.00 -19.10 -1.35
CA GLY A 156 23.07 -18.14 -1.04
C GLY A 156 22.52 -16.73 -1.15
N TRP A 157 22.09 -16.14 -0.03
CA TRP A 157 22.38 -16.68 1.29
C TRP A 157 21.57 -17.88 1.67
N SER A 158 22.19 -18.69 2.53
CA SER A 158 21.86 -20.09 2.66
C SER A 158 22.35 -20.78 3.92
N VAL A 159 22.84 -21.98 3.72
CA VAL A 159 22.36 -23.14 4.45
C VAL A 159 23.14 -23.63 5.65
N HIS A 160 22.88 -24.91 5.95
CA HIS A 160 23.66 -25.79 6.82
C HIS A 160 23.60 -25.53 8.29
N ALA A 161 23.30 -26.60 9.02
CA ALA A 161 23.26 -26.65 10.49
C ALA A 161 22.44 -25.49 11.07
N PRO A 162 22.51 -25.31 12.41
CA PRO A 162 22.23 -23.98 12.97
C PRO A 162 23.22 -22.92 12.39
N SER A 163 23.05 -21.65 12.73
CA SER A 163 23.76 -20.56 12.04
C SER A 163 23.45 -19.21 12.72
N SER A 164 24.17 -18.09 12.50
CA SER A 164 25.38 -17.82 11.66
C SER A 164 25.50 -16.29 11.45
N ARG A 165 25.52 -15.88 10.17
CA ARG A 165 25.83 -14.53 9.70
C ARG A 165 25.02 -13.42 10.37
N CYS A 170 19.95 -5.57 5.00
CA CYS A 170 19.27 -4.90 3.87
C CYS A 170 18.24 -5.79 3.11
N GLY A 171 18.17 -7.08 3.44
CA GLY A 171 17.24 -8.06 2.82
C GLY A 171 15.74 -7.74 2.93
N THR A 172 15.39 -6.54 2.48
CA THR A 172 14.08 -5.92 2.66
C THR A 172 13.21 -6.48 3.79
N LEU A 173 13.83 -7.20 4.73
CA LEU A 173 13.24 -7.57 6.03
C LEU A 173 11.97 -8.44 5.99
N ASP A 174 11.00 -8.02 5.19
CA ASP A 174 9.66 -8.61 5.07
C ASP A 174 9.46 -10.09 5.35
N TYR A 175 10.36 -10.96 4.86
CA TYR A 175 10.21 -12.43 4.99
C TYR A 175 11.09 -13.01 6.04
N LEU A 176 11.90 -12.14 6.64
CA LEU A 176 12.87 -12.54 7.64
C LEU A 176 12.24 -12.59 9.04
N PRO A 177 12.52 -13.65 9.79
CA PRO A 177 11.99 -13.82 11.16
C PRO A 177 12.73 -12.99 12.23
N PRO A 178 12.15 -12.86 13.44
CA PRO A 178 12.80 -12.05 14.49
C PRO A 178 14.26 -12.43 14.81
N GLU A 179 14.50 -13.69 15.19
CA GLU A 179 15.86 -14.15 15.52
C GLU A 179 16.92 -13.73 14.49
N MET A 180 16.59 -13.79 13.20
CA MET A 180 17.49 -13.34 12.13
C MET A 180 17.68 -11.83 12.12
N ILE A 181 16.67 -11.10 12.56
CA ILE A 181 16.70 -9.65 12.42
C ILE A 181 17.53 -9.03 13.54
N GLU A 182 17.51 -9.65 14.71
CA GLU A 182 18.27 -9.20 15.89
C GLU A 182 19.72 -9.60 15.71
N GLY A 183 19.92 -10.70 14.98
CA GLY A 183 21.23 -11.32 14.83
C GLY A 183 21.41 -12.54 15.71
N ARG A 184 20.34 -13.04 16.32
CA ARG A 184 20.48 -14.21 17.19
C ARG A 184 20.75 -15.48 16.35
N MET A 185 20.63 -16.66 16.98
CA MET A 185 20.97 -17.93 16.34
C MET A 185 19.73 -18.55 15.70
N HIS A 186 19.90 -19.08 14.49
CA HIS A 186 18.78 -19.64 13.72
C HIS A 186 18.96 -21.02 13.14
N ASP A 187 17.85 -21.72 12.93
CA ASP A 187 17.84 -23.04 12.28
C ASP A 187 16.79 -23.17 11.15
N GLU A 188 16.45 -24.39 10.76
CA GLU A 188 15.32 -24.67 9.84
C GLU A 188 14.04 -23.83 10.03
N LYS A 189 13.75 -23.44 11.27
CA LYS A 189 12.50 -22.76 11.58
C LYS A 189 12.37 -21.38 10.90
N VAL A 190 13.48 -20.85 10.42
CA VAL A 190 13.45 -19.59 9.70
C VAL A 190 12.55 -19.78 8.48
N ASP A 191 12.85 -20.79 7.69
CA ASP A 191 12.00 -21.09 6.56
C ASP A 191 10.52 -21.23 6.92
N LEU A 192 10.22 -21.80 8.08
CA LEU A 192 8.82 -22.00 8.50
C LEU A 192 8.08 -20.68 8.69
N TRP A 193 8.75 -19.74 9.33
CA TRP A 193 8.23 -18.37 9.44
C TRP A 193 8.01 -17.76 8.06
N SER A 194 8.94 -18.02 7.13
CA SER A 194 8.80 -17.45 5.81
C SER A 194 7.56 -18.00 5.09
N LEU A 195 7.35 -19.30 5.18
CA LEU A 195 6.11 -19.92 4.73
C LEU A 195 4.87 -19.17 5.27
N GLY A 196 4.92 -18.73 6.52
CA GLY A 196 3.81 -17.96 7.10
C GLY A 196 3.64 -16.59 6.47
N VAL A 197 4.77 -15.90 6.24
CA VAL A 197 4.77 -14.58 5.59
C VAL A 197 4.23 -14.73 4.18
N LEU A 198 4.68 -15.79 3.50
CA LEU A 198 4.23 -16.13 2.16
C LEU A 198 2.78 -16.46 2.13
N CYS A 199 2.39 -17.40 2.95
CA CYS A 199 0.99 -17.79 2.99
C CYS A 199 0.10 -16.55 3.05
N TYR A 200 0.40 -15.69 4.02
CA TYR A 200 -0.34 -14.47 4.22
C TYR A 200 -0.32 -13.61 2.94
N GLU A 201 0.89 -13.34 2.46
CA GLU A 201 1.04 -12.49 1.32
C GLU A 201 0.13 -12.97 0.19
N PHE A 202 0.08 -14.29 -0.04
CA PHE A 202 -0.70 -14.82 -1.15
C PHE A 202 -2.18 -14.49 -1.01
N LEU A 203 -2.73 -14.67 0.20
CA LEU A 203 -4.15 -14.46 0.42
C LEU A 203 -4.55 -12.99 0.41
N VAL A 204 -3.65 -12.13 0.86
CA VAL A 204 -3.95 -10.73 1.14
C VAL A 204 -3.33 -9.81 0.11
N GLY A 205 -2.22 -10.22 -0.49
CA GLY A 205 -1.56 -9.42 -1.52
C GLY A 205 -0.44 -8.54 -1.00
N LYS A 206 -0.25 -8.55 0.33
CA LYS A 206 0.78 -7.74 1.01
C LYS A 206 1.29 -8.46 2.26
N PRO A 207 2.61 -8.57 2.42
CA PRO A 207 3.20 -9.30 3.55
C PRO A 207 2.82 -8.69 4.90
N PRO A 208 2.63 -9.52 5.91
CA PRO A 208 1.90 -9.03 7.06
C PRO A 208 2.65 -7.98 7.85
N PHE A 209 3.97 -7.91 7.72
CA PHE A 209 4.74 -6.84 8.41
C PHE A 209 5.15 -5.72 7.44
N GLU A 210 4.56 -5.69 6.25
CA GLU A 210 4.81 -4.59 5.33
C GLU A 210 4.56 -3.27 5.99
N ALA A 211 5.56 -2.41 5.88
CA ALA A 211 5.56 -1.10 6.49
C ALA A 211 6.18 -0.17 5.48
N ASN A 212 6.45 1.05 5.91
CA ASN A 212 6.88 2.06 4.94
C ASN A 212 8.38 2.30 5.01
N THR A 213 8.98 1.85 6.10
CA THR A 213 10.40 2.03 6.31
C THR A 213 11.04 0.79 6.92
N TYR A 214 12.27 0.51 6.51
CA TYR A 214 13.03 -0.58 7.09
C TYR A 214 12.89 -0.62 8.60
N GLN A 215 12.89 0.56 9.23
CA GLN A 215 12.99 0.64 10.67
C GLN A 215 11.66 0.24 11.27
N GLU A 216 10.58 0.78 10.70
CA GLU A 216 9.21 0.40 11.05
C GLU A 216 8.95 -1.12 10.92
N THR A 217 9.15 -1.66 9.71
CA THR A 217 9.11 -3.11 9.47
C THR A 217 9.81 -3.91 10.55
N TYR A 218 10.98 -3.41 10.99
CA TYR A 218 11.82 -4.12 11.97
C TYR A 218 11.09 -4.22 13.31
N LYS A 219 10.46 -3.11 13.73
CA LYS A 219 9.55 -3.07 14.88
C LYS A 219 8.46 -4.10 14.68
N ARG A 220 7.69 -3.92 13.60
CA ARG A 220 6.53 -4.78 13.34
C ARG A 220 6.89 -6.26 13.40
N ILE A 221 8.05 -6.66 12.84
CA ILE A 221 8.52 -8.07 12.93
C ILE A 221 8.87 -8.49 14.35
N SER A 222 9.77 -7.74 14.99
CA SER A 222 10.22 -8.09 16.35
C SER A 222 9.02 -8.19 17.31
N ARG A 223 8.08 -7.24 17.17
CA ARG A 223 6.83 -7.26 17.94
C ARG A 223 5.77 -8.28 17.46
N VAL A 224 5.88 -8.70 16.19
CA VAL A 224 4.96 -9.65 15.53
C VAL A 224 3.55 -9.05 15.47
N GLU A 225 3.46 -7.83 14.94
CA GLU A 225 2.21 -7.14 14.81
C GLU A 225 1.69 -7.22 13.41
N PHE A 226 0.62 -7.99 13.21
CA PHE A 226 -0.08 -7.96 11.94
C PHE A 226 -1.51 -8.25 12.27
N THR A 227 -2.42 -7.79 11.43
CA THR A 227 -3.82 -8.16 11.56
C THR A 227 -4.33 -8.77 10.26
N PHE A 228 -5.48 -9.43 10.32
CA PHE A 228 -6.08 -10.07 9.14
C PHE A 228 -7.22 -9.24 8.59
N PRO A 229 -7.22 -8.98 7.27
CA PRO A 229 -8.46 -8.50 6.68
C PRO A 229 -9.59 -9.52 6.92
N ASP A 230 -10.83 -9.02 6.97
CA ASP A 230 -11.99 -9.83 7.31
C ASP A 230 -12.22 -11.01 6.42
N PHE A 231 -11.87 -10.90 5.14
CA PHE A 231 -12.06 -12.03 4.23
C PHE A 231 -11.16 -13.22 4.44
N VAL A 232 -10.37 -13.23 5.51
CA VAL A 232 -9.45 -14.37 5.70
C VAL A 232 -10.07 -15.45 6.60
N THR A 233 -10.43 -16.56 5.97
CA THR A 233 -11.05 -17.74 6.59
C THR A 233 -10.31 -18.27 7.82
N GLU A 234 -11.09 -18.70 8.80
CA GLU A 234 -10.65 -19.27 10.07
C GLU A 234 -9.39 -20.16 9.99
N GLY A 235 -9.31 -21.02 8.97
CA GLY A 235 -8.21 -22.01 8.88
C GLY A 235 -6.87 -21.44 8.42
N ALA A 236 -6.92 -20.46 7.52
CA ALA A 236 -5.76 -19.71 7.09
C ALA A 236 -5.14 -19.00 8.27
N ARG A 237 -5.92 -18.19 8.97
CA ARG A 237 -5.47 -17.60 10.24
C ARG A 237 -4.85 -18.68 11.12
N ASP A 238 -5.51 -19.81 11.23
CA ASP A 238 -4.95 -20.82 12.04
C ASP A 238 -3.55 -21.22 11.58
N LEU A 239 -3.35 -21.40 10.27
CA LEU A 239 -2.03 -21.86 9.78
C LEU A 239 -0.99 -20.76 10.00
N ILE A 240 -1.36 -19.54 9.61
CA ILE A 240 -0.44 -18.44 9.62
C ILE A 240 -0.12 -18.06 11.05
N SER A 241 -1.13 -18.08 11.91
CA SER A 241 -0.94 -17.74 13.31
C SER A 241 0.09 -18.67 13.92
N ARG A 242 -0.02 -19.94 13.54
CA ARG A 242 0.80 -20.99 14.08
C ARG A 242 2.25 -20.86 13.59
N LEU A 243 2.38 -20.59 12.28
CA LEU A 243 3.66 -20.41 11.60
C LEU A 243 4.40 -19.13 12.07
N LEU A 244 3.65 -18.07 12.40
CA LEU A 244 4.28 -16.80 12.72
C LEU A 244 4.55 -16.53 14.21
N LYS A 245 4.99 -17.54 14.97
CA LYS A 245 5.35 -17.35 16.38
C LYS A 245 6.78 -16.84 16.60
N HIS A 246 6.96 -15.95 17.56
CA HIS A 246 8.28 -15.46 17.97
C HIS A 246 9.21 -16.57 18.37
N ASN A 247 8.78 -17.43 19.30
CA ASN A 247 9.61 -18.56 19.71
C ASN A 247 9.69 -19.61 18.60
N PRO A 248 10.89 -19.82 18.01
CA PRO A 248 11.01 -20.76 16.89
C PRO A 248 10.52 -22.18 17.15
N SER A 249 10.67 -22.68 18.38
CA SER A 249 10.41 -24.10 18.62
C SER A 249 8.92 -24.36 18.71
N GLN A 250 8.14 -23.29 18.85
CA GLN A 250 6.68 -23.44 18.80
C GLN A 250 6.13 -23.12 17.39
N ARG A 251 6.98 -23.31 16.38
CA ARG A 251 6.59 -23.26 14.97
C ARG A 251 6.47 -24.69 14.44
N PRO A 252 5.35 -25.00 13.77
CA PRO A 252 5.18 -26.38 13.38
C PRO A 252 6.27 -26.85 12.46
N MET A 253 6.50 -28.15 12.44
CA MET A 253 7.36 -28.74 11.44
C MET A 253 6.56 -28.90 10.15
N LEU A 254 7.25 -29.16 9.05
CA LEU A 254 6.65 -29.11 7.72
C LEU A 254 5.55 -30.12 7.46
N ARG A 255 5.69 -31.28 8.11
CA ARG A 255 4.77 -32.41 7.99
C ARG A 255 3.49 -32.14 8.76
N GLU A 256 3.58 -31.26 9.75
CA GLU A 256 2.40 -30.71 10.44
C GLU A 256 1.69 -29.67 9.59
N VAL A 257 2.46 -28.86 8.85
CA VAL A 257 1.91 -27.94 7.84
C VAL A 257 1.21 -28.75 6.74
N LEU A 258 1.98 -29.66 6.10
CA LEU A 258 1.44 -30.48 5.04
C LEU A 258 0.14 -31.20 5.48
N GLU A 259 0.04 -31.52 6.75
CA GLU A 259 -1.22 -32.03 7.33
C GLU A 259 -2.28 -30.95 7.49
N HIS A 260 -1.99 -29.93 8.30
CA HIS A 260 -2.96 -28.91 8.68
C HIS A 260 -4.25 -28.90 7.91
N PRO A 261 -5.40 -29.16 8.58
CA PRO A 261 -6.65 -29.41 7.85
C PRO A 261 -6.88 -28.48 6.62
N TRP A 262 -6.60 -27.19 6.78
CA TRP A 262 -6.79 -26.19 5.70
C TRP A 262 -5.99 -26.42 4.44
N ILE A 263 -4.74 -26.80 4.58
CA ILE A 263 -3.97 -27.18 3.41
C ILE A 263 -4.62 -28.32 2.63
N THR A 264 -5.09 -29.36 3.33
CA THR A 264 -5.67 -30.53 2.64
C THR A 264 -7.06 -30.26 2.10
N ALA A 265 -7.82 -29.42 2.78
CA ALA A 265 -9.08 -28.95 2.24
C ALA A 265 -9.00 -28.13 0.92
N ASN A 266 -7.80 -27.92 0.36
CA ASN A 266 -7.60 -26.89 -0.68
C ASN A 266 -6.44 -27.10 -1.64
N SER A 267 -5.47 -27.91 -1.25
CA SER A 267 -4.29 -28.17 -2.07
C SER A 267 -4.64 -29.06 -3.25
N SER A 268 -3.68 -29.43 -4.08
CA SER A 268 -3.93 -30.47 -5.07
C SER A 268 -2.93 -31.65 -4.95
N LYS A 269 -3.38 -32.83 -5.40
CA LYS A 269 -2.66 -34.14 -5.33
C LYS A 269 -3.26 -35.10 -4.30
N TRP B 8 -40.08 22.08 5.37
CA TRP B 8 -39.75 20.82 4.62
C TRP B 8 -40.07 19.62 5.45
N ALA B 9 -40.54 18.56 4.79
CA ALA B 9 -40.68 17.25 5.43
C ALA B 9 -40.41 16.05 4.48
N LEU B 10 -40.24 14.85 5.05
CA LEU B 10 -39.86 13.69 4.25
C LEU B 10 -40.75 13.52 3.01
N GLU B 11 -42.04 13.27 3.22
CA GLU B 11 -43.09 13.47 2.20
C GLU B 11 -42.88 14.86 1.64
N ASP B 12 -42.53 14.96 0.35
CA ASP B 12 -41.92 16.20 -0.23
C ASP B 12 -40.82 15.74 -1.19
N PHE B 13 -40.24 14.59 -0.86
CA PHE B 13 -39.19 14.01 -1.62
C PHE B 13 -39.53 12.58 -2.00
N GLU B 14 -39.02 12.16 -3.16
CA GLU B 14 -38.90 10.76 -3.47
C GLU B 14 -37.44 10.49 -3.19
N ILE B 15 -37.18 9.49 -2.36
CA ILE B 15 -35.82 9.01 -2.14
C ILE B 15 -35.41 8.24 -3.40
N GLY B 16 -34.13 8.31 -3.74
CA GLY B 16 -33.59 7.53 -4.83
C GLY B 16 -32.61 6.55 -4.25
N ARG B 17 -31.58 6.17 -5.03
CA ARG B 17 -30.60 5.17 -4.56
C ARG B 17 -29.73 5.77 -3.49
N PRO B 18 -29.15 4.93 -2.62
CA PRO B 18 -28.20 5.44 -1.62
C PRO B 18 -26.97 5.97 -2.33
N LEU B 19 -26.42 7.08 -1.85
CA LEU B 19 -25.24 7.70 -2.50
C LEU B 19 -23.92 7.41 -1.82
N GLY B 20 -23.95 6.90 -0.60
CA GLY B 20 -22.72 6.77 0.18
C GLY B 20 -22.95 6.41 1.64
N LYS B 21 -21.91 5.81 2.23
CA LYS B 21 -22.01 5.05 3.50
C LYS B 21 -22.06 5.94 4.74
N GLY B 22 -22.66 5.39 5.79
CA GLY B 22 -23.03 6.16 6.96
C GLY B 22 -22.02 6.24 8.07
N LYS B 23 -21.58 7.46 8.38
CA LYS B 23 -21.12 7.80 9.73
C LYS B 23 -22.28 7.44 10.69
N PHE B 24 -23.31 8.28 10.70
CA PHE B 24 -24.50 8.05 11.53
C PHE B 24 -25.77 7.97 10.69
N GLY B 25 -25.65 7.31 9.52
CA GLY B 25 -26.75 7.20 8.54
C GLY B 25 -26.26 7.58 7.15
N ASN B 26 -27.02 7.22 6.12
CA ASN B 26 -26.54 7.40 4.76
C ASN B 26 -26.99 8.68 4.07
N VAL B 27 -26.42 8.94 2.91
CA VAL B 27 -26.96 9.99 2.05
C VAL B 27 -27.56 9.39 0.78
N TYR B 28 -28.69 9.94 0.35
CA TYR B 28 -29.48 9.34 -0.69
C TYR B 28 -29.62 10.35 -1.81
N LEU B 29 -29.63 9.86 -3.04
CA LEU B 29 -30.09 10.66 -4.15
C LEU B 29 -31.53 11.01 -3.87
N ALA B 30 -31.99 12.17 -4.30
CA ALA B 30 -33.38 12.50 -4.03
C ALA B 30 -33.90 13.64 -4.86
N ARG B 31 -35.20 13.59 -5.09
CA ARG B 31 -35.84 14.55 -5.95
C ARG B 31 -37.03 15.23 -5.22
N GLU B 32 -37.12 16.56 -5.32
CA GLU B 32 -38.20 17.32 -4.68
C GLU B 32 -39.46 17.35 -5.57
N LYS B 33 -40.52 16.70 -5.06
CA LYS B 33 -41.82 16.53 -5.74
C LYS B 33 -42.34 17.69 -6.57
N GLN B 34 -42.40 18.89 -6.00
CA GLN B 34 -43.03 19.99 -6.71
C GLN B 34 -42.17 20.48 -7.86
N SER B 35 -40.89 20.69 -7.62
CA SER B 35 -40.04 21.31 -8.61
C SER B 35 -39.18 20.31 -9.42
N LYS B 36 -39.21 19.04 -9.02
CA LYS B 36 -38.39 18.00 -9.64
C LYS B 36 -36.88 18.26 -9.46
N PHE B 37 -36.51 18.97 -8.40
CA PHE B 37 -35.11 19.34 -8.12
C PHE B 37 -34.36 18.15 -7.53
N ILE B 38 -33.13 17.95 -7.99
CA ILE B 38 -32.38 16.75 -7.67
C ILE B 38 -31.37 17.22 -6.69
N LEU B 39 -31.26 16.46 -5.62
CA LEU B 39 -30.50 16.88 -4.45
C LEU B 39 -29.98 15.64 -3.78
N ALA B 40 -29.09 15.85 -2.81
CA ALA B 40 -28.58 14.77 -1.95
C ALA B 40 -29.15 14.99 -0.58
N LEU B 41 -29.68 13.91 0.00
CA LEU B 41 -30.37 13.96 1.27
C LEU B 41 -29.54 13.21 2.30
N LYS B 42 -28.82 13.94 3.15
CA LYS B 42 -27.96 13.34 4.17
C LYS B 42 -28.79 13.07 5.41
N VAL B 43 -28.91 11.80 5.77
CA VAL B 43 -29.80 11.38 6.84
C VAL B 43 -29.08 10.87 8.09
N LEU B 44 -29.21 11.62 9.18
CA LEU B 44 -28.64 11.26 10.46
C LEU B 44 -29.71 10.82 11.51
N PHE B 45 -29.41 9.75 12.24
CA PHE B 45 -30.24 9.33 13.37
C PHE B 45 -29.83 10.03 14.66
N LYS B 46 -30.70 10.91 15.18
CA LYS B 46 -30.54 11.49 16.53
C LYS B 46 -29.91 10.46 17.51
N ALA B 47 -30.48 9.26 17.56
CA ALA B 47 -29.94 8.19 18.36
C ALA B 47 -28.41 8.26 18.37
N GLN B 48 -27.77 8.03 17.23
CA GLN B 48 -26.30 7.98 17.19
C GLN B 48 -25.64 9.32 17.46
N LEU B 49 -26.28 10.41 17.03
CA LEU B 49 -25.70 11.75 17.23
C LEU B 49 -25.45 12.06 18.71
N GLU B 50 -26.50 11.93 19.51
CA GLU B 50 -26.45 12.12 20.95
C GLU B 50 -25.56 11.04 21.57
N LYS B 51 -25.84 9.77 21.31
CA LYS B 51 -25.05 8.67 21.90
C LYS B 51 -23.55 8.83 21.64
N ALA B 52 -23.18 9.85 20.87
CA ALA B 52 -21.79 10.15 20.52
C ALA B 52 -21.57 11.66 20.63
N GLY B 53 -22.62 12.35 21.08
CA GLY B 53 -22.61 13.80 21.34
C GLY B 53 -21.87 14.67 20.34
N VAL B 54 -22.36 14.71 19.10
CA VAL B 54 -21.77 15.58 18.08
C VAL B 54 -22.79 16.54 17.50
N GLU B 55 -23.74 16.97 18.32
CA GLU B 55 -24.80 17.85 17.86
C GLU B 55 -24.27 19.25 17.53
N HIS B 56 -23.24 19.67 18.25
CA HIS B 56 -22.59 20.96 18.02
C HIS B 56 -21.99 21.00 16.64
N GLN B 57 -21.41 19.87 16.22
CA GLN B 57 -20.78 19.72 14.90
C GLN B 57 -21.82 19.75 13.76
N LEU B 58 -22.95 19.08 13.97
CA LEU B 58 -24.10 19.18 13.08
C LEU B 58 -24.53 20.64 13.01
N ARG B 59 -24.67 21.25 14.17
CA ARG B 59 -24.98 22.65 14.24
C ARG B 59 -23.81 23.52 13.84
N ARG B 60 -22.68 22.96 13.43
CA ARG B 60 -21.62 23.81 12.90
C ARG B 60 -21.47 23.61 11.40
N GLU B 61 -22.14 22.61 10.87
CA GLU B 61 -22.06 22.35 9.44
C GLU B 61 -23.24 23.05 8.79
N VAL B 62 -24.37 23.06 9.50
CA VAL B 62 -25.57 23.72 8.99
C VAL B 62 -25.36 25.25 8.71
N GLU B 63 -25.21 26.05 9.75
CA GLU B 63 -24.86 27.48 9.63
C GLU B 63 -23.79 27.75 8.57
N ILE B 64 -22.60 27.17 8.75
CA ILE B 64 -21.46 27.49 7.87
C ILE B 64 -21.74 27.19 6.40
N GLN B 65 -22.29 26.01 6.10
CA GLN B 65 -22.49 25.65 4.69
C GLN B 65 -23.66 26.36 4.02
N SER B 66 -24.49 27.01 4.82
CA SER B 66 -25.64 27.74 4.30
C SER B 66 -25.35 29.22 4.07
N HIS B 67 -24.40 29.78 4.82
CA HIS B 67 -24.07 31.20 4.68
C HIS B 67 -22.78 31.39 3.92
N LEU B 68 -22.17 30.28 3.51
CA LEU B 68 -21.13 30.35 2.50
C LEU B 68 -21.75 30.12 1.11
N ARG B 69 -21.33 30.93 0.14
CA ARG B 69 -21.72 30.74 -1.25
C ARG B 69 -20.45 30.91 -2.07
N HIS B 70 -20.00 29.81 -2.64
CA HIS B 70 -18.84 29.76 -3.49
C HIS B 70 -19.09 28.60 -4.41
N PRO B 71 -18.73 28.76 -5.71
CA PRO B 71 -18.94 27.64 -6.68
C PRO B 71 -18.09 26.38 -6.42
N ASN B 72 -17.13 26.46 -5.49
CA ASN B 72 -16.25 25.37 -5.12
C ASN B 72 -16.50 24.88 -3.72
N ILE B 73 -17.69 25.17 -3.19
CA ILE B 73 -18.08 24.73 -1.85
C ILE B 73 -19.48 24.18 -1.96
N LEU B 74 -19.68 22.92 -1.55
CA LEU B 74 -20.99 22.27 -1.71
C LEU B 74 -22.04 23.03 -0.96
N ARG B 75 -23.17 23.28 -1.59
CA ARG B 75 -24.19 24.08 -0.92
C ARG B 75 -25.12 23.21 -0.11
N LEU B 76 -25.52 23.72 1.05
CA LEU B 76 -26.56 23.09 1.89
C LEU B 76 -27.79 23.99 1.81
N TYR B 77 -28.95 23.42 1.48
CA TYR B 77 -30.14 24.22 1.20
C TYR B 77 -30.97 24.52 2.42
N GLY B 78 -31.44 23.48 3.10
CA GLY B 78 -32.17 23.63 4.35
C GLY B 78 -31.99 22.37 5.16
N TYR B 79 -32.89 22.15 6.12
CA TYR B 79 -32.91 20.92 6.94
C TYR B 79 -34.23 20.72 7.65
N PHE B 80 -34.41 19.55 8.22
CA PHE B 80 -35.56 19.28 9.04
C PHE B 80 -35.26 18.04 9.91
N HIS B 81 -36.14 17.77 10.85
CA HIS B 81 -36.01 16.60 11.72
C HIS B 81 -37.37 15.98 11.76
N ASP B 82 -37.41 14.69 12.02
CA ASP B 82 -38.67 14.11 12.41
C ASP B 82 -38.42 13.56 13.81
N ALA B 83 -39.27 12.63 14.24
CA ALA B 83 -39.06 11.93 15.50
C ALA B 83 -37.63 11.39 15.58
N THR B 84 -37.32 10.48 14.64
CA THR B 84 -36.14 9.64 14.77
C THR B 84 -34.85 10.15 14.06
N ARG B 85 -35.02 11.03 13.07
CA ARG B 85 -33.91 11.42 12.19
C ARG B 85 -33.80 12.91 11.88
N VAL B 86 -32.56 13.36 11.65
CA VAL B 86 -32.30 14.69 11.06
C VAL B 86 -31.88 14.54 9.62
N TYR B 87 -32.40 15.44 8.78
CA TYR B 87 -32.20 15.40 7.34
C TYR B 87 -31.57 16.68 6.80
N LEU B 88 -30.35 16.58 6.24
CA LEU B 88 -29.77 17.72 5.50
C LEU B 88 -30.01 17.66 4.00
N ILE B 89 -30.45 18.78 3.45
CA ILE B 89 -30.80 18.88 2.05
C ILE B 89 -29.60 19.51 1.35
N LEU B 90 -28.79 18.68 0.71
CA LEU B 90 -27.54 19.13 0.11
C LEU B 90 -27.61 19.23 -1.41
N GLU B 91 -26.86 20.18 -1.95
CA GLU B 91 -26.53 20.20 -3.37
C GLU B 91 -26.02 18.83 -3.76
N TYR B 92 -26.29 18.44 -5.01
CA TYR B 92 -25.89 17.13 -5.47
C TYR B 92 -24.71 17.19 -6.44
N ALA B 93 -23.74 16.31 -6.22
CA ALA B 93 -22.53 16.32 -7.04
C ALA B 93 -22.51 15.08 -7.88
N PRO B 94 -22.90 15.21 -9.15
CA PRO B 94 -23.17 14.12 -10.10
C PRO B 94 -21.97 13.23 -10.38
N LEU B 95 -20.74 13.77 -10.26
CA LEU B 95 -19.54 12.97 -10.55
C LEU B 95 -18.81 12.42 -9.32
N GLY B 96 -19.47 12.49 -8.16
CA GLY B 96 -18.99 11.76 -7.01
C GLY B 96 -17.78 12.42 -6.37
N THR B 97 -17.06 11.64 -5.57
CA THR B 97 -15.95 12.14 -4.82
C THR B 97 -14.63 12.01 -5.59
N VAL B 98 -13.69 12.88 -5.26
CA VAL B 98 -12.33 12.86 -5.78
C VAL B 98 -11.70 11.55 -5.35
N TYR B 99 -12.15 11.03 -4.21
CA TYR B 99 -11.68 9.76 -3.66
C TYR B 99 -11.95 8.54 -4.57
N ARG B 100 -13.16 8.47 -5.10
CA ARG B 100 -13.53 7.41 -6.00
C ARG B 100 -12.81 7.65 -7.31
N GLU B 101 -12.55 8.90 -7.62
CA GLU B 101 -11.85 9.18 -8.86
C GLU B 101 -10.38 8.70 -8.80
N LEU B 102 -9.83 8.68 -7.59
CA LEU B 102 -8.45 8.35 -7.38
C LEU B 102 -8.29 6.83 -7.39
N GLN B 103 -9.12 6.14 -6.62
CA GLN B 103 -9.19 4.71 -6.67
C GLN B 103 -9.31 4.24 -8.12
N LYS B 104 -10.16 4.92 -8.87
CA LYS B 104 -10.44 4.65 -10.28
C LYS B 104 -9.21 4.86 -11.20
N LEU B 105 -8.60 6.05 -11.17
CA LEU B 105 -7.40 6.35 -11.98
C LEU B 105 -6.09 6.03 -11.24
N SER B 106 -6.20 5.57 -9.99
CA SER B 106 -5.05 5.33 -9.05
C SER B 106 -4.07 6.49 -8.72
N LYS B 107 -3.85 7.40 -9.67
CA LYS B 107 -2.83 8.44 -9.60
C LYS B 107 -3.32 9.49 -10.59
N PHE B 108 -3.14 10.77 -10.31
CA PHE B 108 -3.54 11.83 -11.26
C PHE B 108 -2.34 12.37 -11.98
N ASP B 109 -2.56 13.02 -13.12
CA ASP B 109 -1.46 13.75 -13.81
C ASP B 109 -1.43 15.21 -13.38
N GLU B 110 -0.42 15.92 -13.85
CA GLU B 110 -0.09 17.24 -13.29
C GLU B 110 -1.15 18.29 -13.48
N GLN B 111 -1.87 18.21 -14.58
CA GLN B 111 -2.84 19.24 -14.90
C GLN B 111 -4.10 19.06 -14.05
N ARG B 112 -4.54 17.80 -13.91
CA ARG B 112 -5.71 17.52 -13.12
C ARG B 112 -5.46 17.96 -11.69
N THR B 113 -4.23 17.68 -11.22
CA THR B 113 -3.81 17.97 -9.87
C THR B 113 -3.73 19.46 -9.60
N ALA B 114 -3.02 20.18 -10.47
CA ALA B 114 -2.82 21.62 -10.27
C ALA B 114 -4.16 22.31 -10.35
N THR B 115 -5.04 21.76 -11.19
CA THR B 115 -6.39 22.30 -11.30
C THR B 115 -7.20 22.15 -10.01
N TYR B 116 -7.20 20.95 -9.42
CA TYR B 116 -7.85 20.72 -8.13
C TYR B 116 -7.23 21.53 -6.99
N ILE B 117 -5.88 21.59 -6.95
CA ILE B 117 -5.23 22.47 -5.97
C ILE B 117 -5.66 23.93 -6.19
N THR B 118 -5.82 24.33 -7.45
CA THR B 118 -6.26 25.70 -7.69
C THR B 118 -7.66 25.91 -7.09
N GLU B 119 -8.62 25.07 -7.47
CA GLU B 119 -10.01 25.24 -7.01
C GLU B 119 -10.13 25.17 -5.49
N LEU B 120 -9.42 24.25 -4.85
CA LEU B 120 -9.35 24.24 -3.37
C LEU B 120 -8.84 25.53 -2.73
N ALA B 121 -7.75 26.04 -3.29
CA ALA B 121 -7.15 27.27 -2.83
C ALA B 121 -8.16 28.40 -2.89
N ASN B 122 -8.89 28.51 -4.01
CA ASN B 122 -9.93 29.53 -4.08
C ASN B 122 -11.06 29.33 -3.07
N ALA B 123 -11.59 28.12 -2.96
CA ALA B 123 -12.60 27.88 -1.94
C ALA B 123 -12.05 28.10 -0.52
N LEU B 124 -10.82 27.66 -0.28
CA LEU B 124 -10.22 27.86 1.02
C LEU B 124 -9.96 29.35 1.26
N SER B 125 -9.67 30.05 0.16
CA SER B 125 -9.41 31.48 0.17
C SER B 125 -10.62 32.20 0.69
N TYR B 126 -11.77 31.82 0.15
CA TYR B 126 -13.05 32.38 0.54
C TYR B 126 -13.33 32.02 2.01
N CYS B 127 -13.09 30.76 2.38
CA CYS B 127 -13.35 30.28 3.74
C CYS B 127 -12.59 31.03 4.80
N HIS B 128 -11.37 31.43 4.44
CA HIS B 128 -10.44 32.05 5.39
C HIS B 128 -10.68 33.55 5.56
N SER B 129 -11.29 34.16 4.54
CA SER B 129 -11.72 35.55 4.60
C SER B 129 -12.86 35.75 5.59
N LYS B 130 -13.57 34.67 5.90
CA LYS B 130 -14.58 34.66 6.93
C LYS B 130 -14.01 33.93 8.16
N ARG B 131 -12.68 33.79 8.18
CA ARG B 131 -11.90 33.21 9.29
C ARG B 131 -12.30 31.79 9.72
N VAL B 132 -13.12 31.11 8.90
CA VAL B 132 -13.49 29.71 9.18
C VAL B 132 -12.49 28.79 8.52
N ILE B 133 -12.02 27.81 9.30
CA ILE B 133 -11.08 26.84 8.76
C ILE B 133 -11.67 25.44 8.81
N HIS B 134 -11.37 24.65 7.77
CA HIS B 134 -12.08 23.42 7.49
C HIS B 134 -11.66 22.28 8.38
N ARG B 135 -10.34 22.13 8.58
CA ARG B 135 -9.74 21.05 9.42
C ARG B 135 -9.88 19.61 8.89
N ASP B 136 -10.61 19.41 7.81
CA ASP B 136 -11.02 18.06 7.43
C ASP B 136 -10.99 17.79 5.91
N ILE B 137 -10.06 18.44 5.22
CA ILE B 137 -9.94 18.30 3.77
C ILE B 137 -9.28 16.98 3.50
N LYS B 138 -10.08 15.96 3.19
CA LYS B 138 -9.61 14.65 2.70
C LYS B 138 -10.32 14.44 1.39
N PRO B 139 -9.82 13.52 0.56
CA PRO B 139 -10.52 13.23 -0.70
C PRO B 139 -11.97 12.72 -0.60
N GLU B 140 -12.35 12.03 0.48
CA GLU B 140 -13.75 11.59 0.58
C GLU B 140 -14.78 12.71 0.92
N ASN B 141 -14.28 13.93 1.20
CA ASN B 141 -15.06 15.16 1.40
C ASN B 141 -14.86 16.13 0.24
N LEU B 142 -14.24 15.67 -0.84
CA LEU B 142 -14.08 16.51 -2.01
C LEU B 142 -14.92 15.94 -3.14
N LEU B 143 -15.86 16.71 -3.63
CA LEU B 143 -16.86 16.26 -4.57
C LEU B 143 -16.75 16.92 -5.95
N LEU B 144 -17.24 16.22 -6.99
CA LEU B 144 -17.21 16.75 -8.35
C LEU B 144 -18.56 17.15 -8.88
N GLY B 145 -18.65 18.42 -9.28
CA GLY B 145 -19.77 18.94 -10.08
C GLY B 145 -19.77 18.40 -11.52
N SER B 146 -20.80 18.78 -12.28
CA SER B 146 -21.02 18.19 -13.59
C SER B 146 -19.93 18.61 -14.57
N ALA B 147 -19.46 19.85 -14.49
CA ALA B 147 -18.32 20.23 -15.32
C ALA B 147 -17.01 19.60 -14.80
N GLY B 148 -17.10 18.82 -13.73
CA GLY B 148 -15.91 18.30 -13.06
C GLY B 148 -15.25 19.27 -12.08
N GLU B 149 -15.99 20.32 -11.70
CA GLU B 149 -15.52 21.31 -10.72
C GLU B 149 -15.46 20.70 -9.33
N LEU B 150 -14.41 21.06 -8.60
CA LEU B 150 -14.21 20.48 -7.29
C LEU B 150 -15.01 21.24 -6.23
N LYS B 151 -15.70 20.51 -5.36
CA LYS B 151 -16.52 21.13 -4.32
C LYS B 151 -16.24 20.57 -2.95
N ILE B 152 -15.76 21.42 -2.04
CA ILE B 152 -15.55 21.02 -0.63
C ILE B 152 -16.86 20.80 0.08
N ALA B 153 -16.97 19.71 0.79
CA ALA B 153 -18.20 19.40 1.48
C ALA B 153 -17.98 19.07 2.95
N ASP B 154 -19.00 18.52 3.58
CA ASP B 154 -18.89 18.11 4.98
C ASP B 154 -18.83 19.35 5.91
N PHE B 155 -17.68 19.77 6.43
CA PHE B 155 -17.66 20.96 7.34
C PHE B 155 -18.13 20.69 8.77
N GLY B 156 -17.80 21.62 9.67
CA GLY B 156 -17.97 21.40 11.11
C GLY B 156 -17.51 20.04 11.63
N TRP B 157 -16.24 19.85 11.95
CA TRP B 157 -15.14 20.80 11.72
C TRP B 157 -15.07 21.00 10.25
N SER B 158 -14.98 22.24 9.75
CA SER B 158 -14.72 23.55 10.39
C SER B 158 -14.88 23.93 11.87
N VAL B 159 -14.17 25.01 12.19
CA VAL B 159 -14.40 25.89 13.34
C VAL B 159 -13.91 27.30 12.94
N HIS B 160 -14.34 28.31 13.70
CA HIS B 160 -13.85 29.69 13.53
C HIS B 160 -12.50 29.91 14.17
N ALA B 161 -11.80 30.96 13.72
CA ALA B 161 -10.65 31.54 14.45
C ALA B 161 -9.53 30.54 14.79
N PRO B 162 -8.63 30.88 15.75
CA PRO B 162 -7.51 30.03 16.21
C PRO B 162 -7.74 28.76 17.08
N SER B 163 -8.82 28.68 17.86
CA SER B 163 -9.00 27.52 18.78
C SER B 163 -9.25 26.24 17.96
N SER B 164 -8.52 25.13 18.16
CA SER B 164 -7.63 24.76 19.29
C SER B 164 -8.34 23.79 20.27
N ARG B 165 -8.57 22.55 19.83
CA ARG B 165 -9.39 21.61 20.60
C ARG B 165 -8.87 20.17 20.54
N CYS B 170 -8.04 9.55 16.76
CA CYS B 170 -9.49 9.67 16.75
C CYS B 170 -10.16 8.67 15.78
N GLY B 171 -9.88 8.75 14.47
CA GLY B 171 -8.84 9.63 13.93
C GLY B 171 -8.64 9.76 12.43
N THR B 172 -8.43 8.65 11.74
CA THR B 172 -7.76 8.60 10.40
C THR B 172 -6.32 9.12 10.46
N LEU B 173 -6.17 10.44 10.57
CA LEU B 173 -4.89 11.10 10.90
C LEU B 173 -4.07 11.61 9.70
N ASP B 174 -4.23 10.98 8.53
CA ASP B 174 -3.42 11.25 7.35
C ASP B 174 -3.31 12.67 6.83
N TYR B 175 -4.33 13.49 7.11
CA TYR B 175 -4.43 14.86 6.56
C TYR B 175 -4.19 15.95 7.56
N LEU B 176 -4.08 15.55 8.82
CA LEU B 176 -3.98 16.53 9.89
C LEU B 176 -2.52 16.94 10.10
N PRO B 177 -2.29 18.20 10.45
CA PRO B 177 -0.90 18.65 10.66
C PRO B 177 -0.33 18.28 12.05
N PRO B 178 0.97 18.47 12.27
CA PRO B 178 1.45 18.08 13.61
C PRO B 178 0.73 18.83 14.77
N GLU B 179 0.59 20.16 14.69
CA GLU B 179 -0.01 20.97 15.77
C GLU B 179 -1.39 20.46 16.23
N MET B 180 -2.18 19.97 15.27
CA MET B 180 -3.47 19.41 15.56
C MET B 180 -3.31 18.06 16.25
N ILE B 181 -2.42 17.24 15.75
CA ILE B 181 -2.17 15.90 16.30
C ILE B 181 -1.69 15.96 17.75
N GLU B 182 -0.96 17.02 18.08
CA GLU B 182 -0.41 17.24 19.42
C GLU B 182 -1.33 18.13 20.26
N GLY B 183 -2.57 18.29 19.79
CA GLY B 183 -3.55 19.15 20.43
C GLY B 183 -3.06 20.51 20.84
N ARG B 184 -2.24 21.16 20.03
CA ARG B 184 -1.85 22.53 20.36
C ARG B 184 -2.90 23.50 19.82
N MET B 185 -2.52 24.77 19.68
CA MET B 185 -3.39 25.78 19.11
C MET B 185 -3.17 25.78 17.60
N HIS B 186 -4.26 25.98 16.85
CA HIS B 186 -4.15 25.87 15.40
C HIS B 186 -4.95 26.87 14.61
N ASP B 187 -4.31 27.54 13.66
CA ASP B 187 -5.02 28.53 12.87
C ASP B 187 -5.38 28.04 11.45
N GLU B 188 -5.64 28.98 10.54
CA GLU B 188 -5.96 28.66 9.14
C GLU B 188 -4.83 27.93 8.38
N LYS B 189 -3.64 27.83 8.97
CA LYS B 189 -2.52 27.21 8.27
C LYS B 189 -2.61 25.68 8.31
N VAL B 190 -3.67 25.18 8.95
CA VAL B 190 -3.96 23.75 9.05
C VAL B 190 -4.36 23.27 7.65
N ASP B 191 -5.23 24.03 7.02
CA ASP B 191 -5.70 23.69 5.70
C ASP B 191 -4.58 23.71 4.68
N LEU B 192 -3.63 24.63 4.87
CA LEU B 192 -2.44 24.69 4.01
C LEU B 192 -1.59 23.40 4.04
N TRP B 193 -1.40 22.85 5.25
CA TRP B 193 -0.79 21.52 5.38
C TRP B 193 -1.62 20.49 4.62
N SER B 194 -2.93 20.54 4.80
CA SER B 194 -3.79 19.59 4.11
C SER B 194 -3.67 19.65 2.59
N LEU B 195 -3.65 20.85 2.04
CA LEU B 195 -3.44 21.05 0.63
C LEU B 195 -2.16 20.33 0.16
N GLY B 196 -1.11 20.40 0.97
CA GLY B 196 0.13 19.71 0.67
C GLY B 196 -0.03 18.18 0.67
N VAL B 197 -0.66 17.64 1.72
CA VAL B 197 -0.95 16.20 1.82
C VAL B 197 -1.78 15.80 0.63
N LEU B 198 -2.75 16.64 0.29
CA LEU B 198 -3.58 16.45 -0.87
C LEU B 198 -2.84 16.49 -2.16
N CYS B 199 -2.05 17.54 -2.32
CA CYS B 199 -1.26 17.70 -3.54
C CYS B 199 -0.45 16.45 -3.80
N TYR B 200 0.24 15.96 -2.77
CA TYR B 200 1.08 14.78 -2.86
C TYR B 200 0.24 13.59 -3.26
N GLU B 201 -0.84 13.38 -2.50
CA GLU B 201 -1.66 12.21 -2.69
C GLU B 201 -2.12 12.10 -4.17
N PHE B 202 -2.46 13.25 -4.78
CA PHE B 202 -2.98 13.24 -6.15
C PHE B 202 -1.96 12.73 -7.14
N LEU B 203 -0.70 13.09 -6.96
CA LEU B 203 0.37 12.71 -7.88
C LEU B 203 0.91 11.29 -7.63
N VAL B 204 0.80 10.82 -6.41
CA VAL B 204 1.46 9.59 -6.01
C VAL B 204 0.47 8.48 -5.82
N GLY B 205 -0.71 8.84 -5.31
CA GLY B 205 -1.80 7.91 -5.14
C GLY B 205 -1.93 7.42 -3.71
N LYS B 206 -1.04 7.92 -2.84
CA LYS B 206 -1.06 7.64 -1.40
C LYS B 206 -0.55 8.85 -0.61
N PRO B 207 -1.20 9.17 0.51
CA PRO B 207 -0.83 10.32 1.35
C PRO B 207 0.56 10.13 1.89
N PRO B 208 1.31 11.22 2.01
CA PRO B 208 2.74 11.02 2.23
C PRO B 208 3.07 10.44 3.59
N PHE B 209 2.12 10.44 4.52
CA PHE B 209 2.39 9.83 5.84
C PHE B 209 1.66 8.51 6.03
N GLU B 210 1.04 8.00 4.98
CA GLU B 210 0.39 6.70 5.05
C GLU B 210 1.28 5.68 5.73
N ALA B 211 0.75 5.11 6.79
CA ALA B 211 1.41 4.04 7.52
C ALA B 211 0.37 2.95 7.67
N ASN B 212 0.75 1.89 8.37
CA ASN B 212 -0.19 0.79 8.60
C ASN B 212 -0.95 0.94 9.92
N THR B 213 -0.48 1.84 10.78
CA THR B 213 -1.11 2.04 12.06
C THR B 213 -1.25 3.50 12.46
N TYR B 214 -2.33 3.77 13.19
CA TYR B 214 -2.56 5.11 13.68
C TYR B 214 -1.31 5.59 14.40
N GLN B 215 -0.64 4.66 15.06
CA GLN B 215 0.43 4.98 16.01
C GLN B 215 1.64 5.45 15.24
N GLU B 216 2.00 4.68 14.23
CA GLU B 216 3.07 5.03 13.29
C GLU B 216 2.84 6.36 12.55
N THR B 217 1.75 6.42 11.76
CA THR B 217 1.32 7.66 11.11
C THR B 217 1.56 8.85 11.98
N TYR B 218 1.32 8.70 13.28
CA TYR B 218 1.44 9.80 14.25
C TYR B 218 2.88 10.31 14.30
N LYS B 219 3.82 9.38 14.53
CA LYS B 219 5.28 9.61 14.39
C LYS B 219 5.60 10.28 13.08
N ARG B 220 5.31 9.56 11.99
CA ARG B 220 5.59 10.03 10.63
C ARG B 220 5.13 11.48 10.39
N ILE B 221 3.94 11.85 10.90
CA ILE B 221 3.50 13.26 10.85
C ILE B 221 4.35 14.20 11.71
N SER B 222 4.54 13.85 12.99
CA SER B 222 5.30 14.73 13.92
C SER B 222 6.69 15.01 13.37
N ARG B 223 7.40 13.93 13.02
CA ARG B 223 8.74 14.01 12.42
C ARG B 223 8.77 14.64 11.01
N VAL B 224 7.61 14.64 10.35
CA VAL B 224 7.45 15.13 8.97
C VAL B 224 8.33 14.28 8.06
N GLU B 225 8.28 12.96 8.24
CA GLU B 225 9.03 12.09 7.38
C GLU B 225 8.24 11.50 6.19
N PHE B 226 8.56 12.01 5.01
CA PHE B 226 8.08 11.45 3.75
C PHE B 226 9.15 11.62 2.68
N THR B 227 9.13 10.71 1.70
CA THR B 227 9.92 10.89 0.49
C THR B 227 9.08 10.84 -0.79
N PHE B 228 9.66 11.33 -1.88
CA PHE B 228 9.01 11.39 -3.19
C PHE B 228 9.42 10.22 -4.07
N PRO B 229 8.45 9.54 -4.70
CA PRO B 229 8.94 8.64 -5.72
C PRO B 229 9.55 9.45 -6.87
N ASP B 230 10.37 8.75 -7.68
CA ASP B 230 11.20 9.40 -8.69
C ASP B 230 10.43 10.22 -9.69
N PHE B 231 9.26 9.73 -10.10
CA PHE B 231 8.46 10.43 -11.10
C PHE B 231 7.96 11.79 -10.73
N VAL B 232 8.15 12.24 -9.49
CA VAL B 232 7.57 13.52 -9.08
C VAL B 232 8.48 14.69 -9.51
N THR B 233 7.99 15.49 -10.46
CA THR B 233 8.71 16.65 -11.02
C THR B 233 9.14 17.64 -9.95
N GLU B 234 10.20 18.38 -10.25
CA GLU B 234 10.85 19.26 -9.30
C GLU B 234 9.97 20.42 -8.81
N GLY B 235 9.00 20.82 -9.63
CA GLY B 235 8.10 21.93 -9.27
C GLY B 235 7.09 21.55 -8.19
N ALA B 236 6.50 20.37 -8.34
CA ALA B 236 5.62 19.81 -7.35
C ALA B 236 6.35 19.64 -6.02
N ARG B 237 7.48 18.94 -6.01
CA ARG B 237 8.33 18.85 -4.80
C ARG B 237 8.46 20.22 -4.17
N ASP B 238 8.71 21.22 -4.98
CA ASP B 238 8.90 22.50 -4.41
C ASP B 238 7.63 22.90 -3.64
N LEU B 239 6.48 22.80 -4.28
CA LEU B 239 5.23 23.29 -3.68
C LEU B 239 4.88 22.51 -2.42
N ILE B 240 5.03 21.19 -2.50
CA ILE B 240 4.63 20.31 -1.43
C ILE B 240 5.61 20.46 -0.30
N SER B 241 6.88 20.62 -0.65
CA SER B 241 7.91 20.77 0.36
C SER B 241 7.61 22.00 1.18
N ARG B 242 7.05 23.02 0.53
CA ARG B 242 6.78 24.32 1.13
C ARG B 242 5.53 24.31 1.98
N LEU B 243 4.51 23.61 1.48
CA LEU B 243 3.23 23.44 2.13
C LEU B 243 3.33 22.58 3.40
N LEU B 244 4.29 21.65 3.45
CA LEU B 244 4.37 20.71 4.57
C LEU B 244 5.48 21.04 5.56
N LYS B 245 5.57 22.29 6.01
CA LYS B 245 6.53 22.63 7.07
C LYS B 245 5.96 22.42 8.46
N HIS B 246 6.80 22.01 9.40
CA HIS B 246 6.38 21.85 10.80
C HIS B 246 5.95 23.20 11.33
N ASN B 247 6.87 24.14 11.48
CA ASN B 247 6.44 25.46 11.95
C ASN B 247 5.28 26.01 11.10
N PRO B 248 4.08 26.14 11.68
CA PRO B 248 2.95 26.66 10.88
C PRO B 248 3.23 27.92 10.05
N SER B 249 3.85 28.94 10.63
CA SER B 249 3.96 30.24 9.97
C SER B 249 4.93 30.21 8.80
N GLN B 250 5.73 29.14 8.71
CA GLN B 250 6.58 28.91 7.54
C GLN B 250 5.75 28.61 6.27
N ARG B 251 4.63 27.91 6.42
CA ARG B 251 3.70 27.64 5.31
C ARG B 251 3.31 28.87 4.49
N PRO B 252 3.20 28.72 3.16
CA PRO B 252 2.78 29.85 2.35
C PRO B 252 1.35 30.26 2.61
N MET B 253 0.95 31.35 1.95
CA MET B 253 -0.43 31.77 1.95
C MET B 253 -1.05 31.38 0.62
N LEU B 254 -2.36 31.43 0.55
CA LEU B 254 -3.11 30.87 -0.57
C LEU B 254 -2.82 31.57 -1.87
N ARG B 255 -2.64 32.88 -1.78
CA ARG B 255 -2.21 33.72 -2.90
C ARG B 255 -0.81 33.30 -3.39
N GLU B 256 0.09 32.94 -2.49
CA GLU B 256 1.37 32.39 -2.89
C GLU B 256 1.26 31.03 -3.59
N VAL B 257 0.36 30.17 -3.10
CA VAL B 257 0.13 28.86 -3.74
C VAL B 257 -0.42 29.06 -5.14
N LEU B 258 -1.45 29.91 -5.26
CA LEU B 258 -2.08 30.17 -6.55
C LEU B 258 -1.07 30.72 -7.57
N GLU B 259 -0.01 31.35 -7.06
CA GLU B 259 1.04 31.89 -7.91
C GLU B 259 2.08 30.83 -8.24
N HIS B 260 2.55 30.13 -7.23
CA HIS B 260 3.64 29.17 -7.37
C HIS B 260 3.86 28.63 -8.75
N PRO B 261 5.04 28.91 -9.35
CA PRO B 261 5.17 28.74 -10.82
C PRO B 261 4.43 27.51 -11.30
N TRP B 262 4.72 26.37 -10.68
CA TRP B 262 4.19 25.05 -11.06
C TRP B 262 2.69 24.96 -11.19
N ILE B 263 1.98 25.61 -10.29
CA ILE B 263 0.54 25.66 -10.40
C ILE B 263 0.13 26.41 -11.67
N THR B 264 0.72 27.58 -11.93
CA THR B 264 0.32 28.36 -13.13
C THR B 264 0.69 27.67 -14.43
N ALA B 265 1.82 26.98 -14.44
CA ALA B 265 2.20 26.17 -15.60
C ALA B 265 1.20 25.06 -15.97
N ASN B 266 0.36 24.61 -15.04
CA ASN B 266 -0.44 23.40 -15.23
C ASN B 266 -1.93 23.46 -14.92
N SER B 267 -2.36 24.56 -14.32
CA SER B 267 -3.74 24.71 -13.85
C SER B 267 -4.71 25.04 -15.00
N SER B 268 -5.93 25.46 -14.67
CA SER B 268 -6.87 26.01 -15.64
C SER B 268 -7.62 27.22 -15.05
N LYS B 269 -7.58 28.37 -15.72
CA LYS B 269 -8.39 29.52 -15.29
C LYS B 269 -9.78 29.54 -15.92
O2 0K6 C . 17.43 -16.88 -10.38
C19 0K6 C . 17.22 -16.16 -11.35
N7 0K6 C . 17.79 -14.96 -11.52
C18 0K6 C . 16.26 -16.66 -12.38
N6 0K6 C . 15.26 -15.93 -12.92
C13 0K6 C . 15.06 -14.51 -12.53
C17 0K6 C . 15.02 -13.53 -13.67
C16 0K6 C . 14.29 -12.35 -13.06
C15 0K6 C . 13.33 -12.89 -12.02
C14 0K6 C . 13.75 -14.32 -11.77
C20 0K6 C . 16.26 -17.96 -12.90
C21 0K6 C . 15.18 -17.93 -13.80
C12 0K6 C . 14.58 -16.68 -13.80
N5 0K6 C . 13.52 -16.44 -14.61
C22 0K6 C . 14.70 -18.96 -14.59
N8 0K6 C . 13.64 -18.67 -15.36
C11 0K6 C . 13.05 -17.44 -15.38
N4 0K6 C . 11.97 -17.24 -16.17
C10 0K6 C . 11.34 -16.06 -16.38
C9 0K6 C . 11.51 -14.88 -15.70
N3 0K6 C . 10.72 -13.93 -16.25
C8 0K6 C . 10.65 -12.54 -15.75
C23 0K6 C . 10.39 -15.82 -17.37
C7 0K6 C . 10.00 -14.49 -17.25
C1 0K6 C . 9.04 -13.76 -18.15
O1 0K6 C . 9.57 -12.80 -18.68
N1 0K6 C . 7.77 -14.08 -18.46
C6 0K6 C . 7.22 -15.42 -18.16
C5 0K6 C . 5.72 -15.35 -17.83
N2 0K6 C . 5.12 -14.59 -18.91
C4 0K6 C . 4.34 -15.26 -19.97
C3 0K6 C . 5.42 -13.16 -18.87
C2 0K6 C . 6.92 -13.10 -19.19
P PO4 D . 17.60 -14.59 -8.17
O1 PO4 D . 17.63 -13.84 -6.85
O2 PO4 D . 16.16 -15.01 -8.46
O3 PO4 D . 18.48 -15.82 -8.04
O4 PO4 D . 18.13 -13.73 -9.31
MG MG E . 15.79 -12.69 -5.79
O2 0K6 F . -21.12 14.92 2.22
C19 0K6 F . -22.03 14.16 1.86
N7 0K6 F . -22.72 13.40 2.72
C18 0K6 F . -22.36 14.10 0.41
N6 0K6 F . -22.03 13.06 -0.41
C13 0K6 F . -21.31 11.86 0.12
C17 0K6 F . -22.03 10.53 0.02
C16 0K6 F . -20.91 9.52 0.17
C15 0K6 F . -19.67 10.10 -0.47
C14 0K6 F . -19.90 11.61 -0.46
C20 0K6 F . -23.02 15.12 -0.30
C21 0K6 F . -23.04 14.58 -1.60
C12 0K6 F . -22.44 13.34 -1.65
N5 0K6 F . -22.38 12.67 -2.83
C22 0K6 F . -23.57 15.16 -2.75
N8 0K6 F . -23.48 14.46 -3.89
C11 0K6 F . -22.89 13.24 -3.93
N4 0K6 F . -22.83 12.60 -5.13
C10 0K6 F . -22.36 11.35 -5.34
C9 0K6 F . -21.70 10.54 -4.44
N3 0K6 F . -21.44 9.36 -5.03
C8 0K6 F . -20.73 8.26 -4.33
C23 0K6 F . -22.49 10.63 -6.53
C7 0K6 F . -21.88 9.39 -6.32
C1 0K6 F . -21.83 8.26 -7.32
O1 0K6 F . -22.27 7.22 -6.87
N1 0K6 F . -21.40 8.32 -8.60
C6 0K6 F . -20.89 9.55 -9.23
C5 0K6 F . -19.74 9.24 -10.19
N2 0K6 F . -20.19 8.17 -11.05
C4 0K6 F . -20.52 8.39 -12.47
C3 0K6 F . -20.33 6.89 -10.38
C2 0K6 F . -21.53 7.10 -9.45
P PO4 G . -20.11 12.96 4.83
O1 PO4 G . -20.70 14.35 4.84
O2 PO4 G . -21.16 11.93 4.46
O3 PO4 G . -19.03 12.95 3.77
O4 PO4 G . -19.55 12.68 6.22
MG MG H . -16.87 13.11 4.93
#